data_5K39
#
_entry.id   5K39
#
_cell.length_a   116.670
_cell.length_b   78.630
_cell.length_c   35.800
_cell.angle_alpha   90.00
_cell.angle_beta   95.87
_cell.angle_gamma   90.00
#
_symmetry.space_group_name_H-M   'C 1 2 1'
#
loop_
_entity.id
_entity.type
_entity.pdbx_description
1 polymer 'Cellulosome anchoring protein cohesin region'
2 polymer 'Dockerin module from a protein of unknown function'
3 non-polymer 'CALCIUM ION'
4 water water
#
loop_
_entity_poly.entity_id
_entity_poly.type
_entity_poly.pdbx_seq_one_letter_code
_entity_poly.pdbx_strand_id
1 'polypeptide(L)'
;MASAHIALELDKTKVKVGDVIVATVKAKNMTSMAGIQVNIKYDPEVLQAIDPATGKPFTKETLLVDPELLSNREYNPLLT
AVNDINSGIINYASCYVYWDSYRESGVSESTGIIGKVGFKVLKAANTTVKLEETRFTPNSIDGTLVIDWYGQQIVGYKVI
QPDLEHHHHHH
;
A
2 'polypeptide(L)'
;MNNDSTDKTTVSGYISVDFDYPPESESKIKSGFNVKVAGTELSTKTDEKGYFEISGIPGDMREFTLEISKRNYLKRNVTV
NGTGKLVVSTEDNPLILWAGDVERKGVQDNAINMVDVMEISKVFGTRAGDEEYVAELDLNMDGAINLFDIAIVIRHFNAL
PSRY
;
B
#
# COMPACT_ATOMS: atom_id res chain seq x y z
N SER A 3 -12.41 21.57 -0.34
CA SER A 3 -13.04 20.99 -1.57
C SER A 3 -13.35 19.51 -1.35
N ALA A 4 -12.31 18.70 -1.16
CA ALA A 4 -12.47 17.27 -0.92
C ALA A 4 -12.33 16.93 0.55
N HIS A 5 -13.00 15.85 0.96
CA HIS A 5 -12.86 15.32 2.31
C HIS A 5 -13.24 13.84 2.48
N ILE A 6 -12.76 13.26 3.57
CA ILE A 6 -13.27 12.03 4.09
C ILE A 6 -13.90 12.41 5.43
N ALA A 7 -15.15 11.97 5.64
CA ALA A 7 -15.90 12.31 6.85
C ALA A 7 -16.26 11.06 7.66
N LEU A 8 -16.21 11.15 8.98
CA LEU A 8 -16.79 10.12 9.83
C LEU A 8 -18.02 10.70 10.51
N GLU A 9 -19.19 10.11 10.25
CA GLU A 9 -20.45 10.55 10.84
C GLU A 9 -20.99 9.56 11.88
N LEU A 10 -21.48 10.09 13.00
CA LEU A 10 -22.18 9.31 14.01
C LEU A 10 -23.64 9.79 14.01
N ASP A 11 -24.58 8.86 14.04
CA ASP A 11 -26.00 9.21 13.97
C ASP A 11 -26.55 9.68 15.34
N LYS A 12 -25.77 9.46 16.40
CA LYS A 12 -26.13 9.82 17.76
C LYS A 12 -24.84 10.07 18.53
N THR A 13 -24.82 11.11 19.36
N THR A 13 -24.86 11.09 19.38
CA THR A 13 -23.63 11.43 20.15
CA THR A 13 -23.65 11.53 20.10
C THR A 13 -23.91 11.55 21.65
C THR A 13 -23.94 11.84 21.59
N LYS A 14 -25.19 11.65 21.99
CA LYS A 14 -25.60 11.70 23.39
C LYS A 14 -26.29 10.38 23.69
N VAL A 15 -25.67 9.58 24.55
CA VAL A 15 -26.05 8.17 24.68
C VAL A 15 -26.18 7.70 26.12
N LYS A 16 -26.96 6.64 26.29
CA LYS A 16 -27.00 5.87 27.53
C LYS A 16 -26.44 4.49 27.22
N VAL A 17 -26.10 3.73 28.26
CA VAL A 17 -25.59 2.36 28.08
C VAL A 17 -26.65 1.47 27.44
N GLY A 18 -26.25 0.70 26.44
CA GLY A 18 -27.16 -0.16 25.69
C GLY A 18 -27.52 0.42 24.32
N ASP A 19 -27.17 1.69 24.10
CA ASP A 19 -27.45 2.37 22.84
C ASP A 19 -26.52 1.84 21.75
N VAL A 20 -26.97 1.91 20.49
CA VAL A 20 -26.17 1.48 19.35
C VAL A 20 -25.94 2.67 18.41
N ILE A 21 -24.70 3.13 18.35
CA ILE A 21 -24.30 4.26 17.52
C ILE A 21 -23.87 3.74 16.15
N VAL A 22 -24.45 4.30 15.10
CA VAL A 22 -24.06 3.96 13.73
C VAL A 22 -23.06 4.98 13.19
N ALA A 23 -21.88 4.47 12.81
CA ALA A 23 -20.82 5.27 12.25
C ALA A 23 -20.76 5.03 10.75
N THR A 24 -20.70 6.13 9.99
CA THR A 24 -20.58 6.08 8.53
C THR A 24 -19.39 6.88 8.05
N VAL A 25 -18.56 6.21 7.23
CA VAL A 25 -17.43 6.82 6.55
C VAL A 25 -17.86 7.20 5.15
N LYS A 26 -17.62 8.47 4.81
CA LYS A 26 -18.02 9.01 3.50
C LYS A 26 -16.87 9.74 2.83
N ALA A 27 -16.86 9.67 1.50
CA ALA A 27 -15.94 10.44 0.68
C ALA A 27 -16.67 11.60 0.01
N LYS A 28 -15.96 12.70 -0.21
CA LYS A 28 -16.52 13.87 -0.88
C LYS A 28 -15.49 14.46 -1.84
N ASN A 29 -15.86 14.55 -3.13
CA ASN A 29 -15.00 15.19 -4.14
C ASN A 29 -13.61 14.57 -4.24
N MET A 30 -13.55 13.25 -4.08
CA MET A 30 -12.29 12.50 -4.12
C MET A 30 -12.02 12.01 -5.55
N THR A 31 -11.68 12.97 -6.40
CA THR A 31 -11.49 12.77 -7.83
C THR A 31 -10.47 11.67 -8.17
N SER A 32 -10.91 10.72 -9.01
CA SER A 32 -10.06 9.63 -9.53
CA SER A 32 -10.07 9.63 -9.54
C SER A 32 -9.72 8.53 -8.53
N MET A 33 -10.37 8.54 -7.36
CA MET A 33 -10.09 7.54 -6.30
C MET A 33 -10.33 6.10 -6.78
N ALA A 34 -9.32 5.25 -6.59
CA ALA A 34 -9.42 3.83 -6.92
C ALA A 34 -9.19 2.92 -5.70
N GLY A 35 -8.77 3.50 -4.58
CA GLY A 35 -8.58 2.75 -3.36
C GLY A 35 -8.58 3.64 -2.14
N ILE A 36 -8.87 3.06 -1.00
CA ILE A 36 -8.94 3.77 0.27
C ILE A 36 -8.67 2.81 1.42
N GLN A 37 -8.02 3.36 2.45
CA GLN A 37 -7.84 2.70 3.71
C GLN A 37 -8.21 3.71 4.77
N VAL A 38 -9.02 3.28 5.73
CA VAL A 38 -9.42 4.15 6.84
C VAL A 38 -9.17 3.43 8.14
N ASN A 39 -8.84 4.21 9.18
CA ASN A 39 -8.64 3.70 10.54
C ASN A 39 -9.56 4.46 11.49
N ILE A 40 -10.44 3.72 12.16
CA ILE A 40 -11.34 4.29 13.16
C ILE A 40 -10.87 3.87 14.56
N LYS A 41 -10.59 4.86 15.41
CA LYS A 41 -10.10 4.58 16.75
C LYS A 41 -11.19 4.87 17.79
N TYR A 42 -11.44 3.87 18.63
CA TYR A 42 -12.45 3.95 19.66
C TYR A 42 -11.90 3.29 20.92
N ASP A 43 -12.54 3.55 22.06
CA ASP A 43 -12.17 2.95 23.33
C ASP A 43 -12.98 1.65 23.50
N PRO A 44 -12.31 0.48 23.40
CA PRO A 44 -13.03 -0.81 23.44
C PRO A 44 -13.68 -1.15 24.80
N GLU A 45 -13.23 -0.49 25.86
CA GLU A 45 -13.85 -0.62 27.17
C GLU A 45 -15.24 0.02 27.21
N VAL A 46 -15.42 1.04 26.37
CA VAL A 46 -16.63 1.86 26.40
C VAL A 46 -17.59 1.52 25.27
N LEU A 47 -17.03 1.20 24.10
CA LEU A 47 -17.83 0.90 22.91
C LEU A 47 -17.41 -0.43 22.29
N GLN A 48 -18.39 -1.22 21.87
CA GLN A 48 -18.10 -2.47 21.20
C GLN A 48 -18.48 -2.33 19.74
N ALA A 49 -17.54 -2.67 18.86
CA ALA A 49 -17.75 -2.60 17.44
C ALA A 49 -18.64 -3.75 16.99
N ILE A 50 -19.75 -3.41 16.33
CA ILE A 50 -20.74 -4.40 15.90
C ILE A 50 -21.29 -4.11 14.51
N ASP A 51 -21.78 -5.15 13.84
CA ASP A 51 -22.62 -5.00 12.64
C ASP A 51 -23.90 -4.27 13.06
N PRO A 52 -24.18 -3.11 12.45
CA PRO A 52 -25.30 -2.24 12.88
C PRO A 52 -26.71 -2.78 12.56
N ALA A 53 -26.79 -3.99 11.99
CA ALA A 53 -28.07 -4.58 11.64
C ALA A 53 -28.31 -5.90 12.36
N THR A 54 -27.23 -6.62 12.64
CA THR A 54 -27.32 -7.95 13.27
C THR A 54 -26.83 -7.93 14.71
N GLY A 55 -26.00 -6.96 15.04
CA GLY A 55 -25.42 -6.84 16.38
C GLY A 55 -24.17 -7.68 16.57
N LYS A 56 -23.82 -8.47 15.57
CA LYS A 56 -22.68 -9.38 15.61
C LYS A 56 -21.40 -8.58 15.80
N PRO A 57 -20.58 -8.96 16.81
CA PRO A 57 -19.36 -8.21 17.07
C PRO A 57 -18.34 -8.35 15.95
N PHE A 58 -17.67 -7.23 15.63
CA PHE A 58 -16.56 -7.23 14.70
C PHE A 58 -15.43 -8.06 15.31
N THR A 59 -14.70 -8.76 14.57
CA THR A 59 -13.42 -9.41 14.91
C THR A 59 -12.38 -9.00 13.87
N LYS A 60 -11.23 -9.65 13.89
CA LYS A 60 -10.08 -9.26 13.08
C LYS A 60 -10.41 -9.00 11.60
N GLU A 61 -11.17 -9.91 11.00
CA GLU A 61 -11.40 -9.89 9.55
C GLU A 61 -12.64 -9.12 9.11
N THR A 62 -13.47 -8.66 10.05
CA THR A 62 -14.77 -8.07 9.69
C THR A 62 -14.68 -6.80 8.85
N LEU A 63 -15.35 -6.82 7.69
CA LEU A 63 -15.37 -5.67 6.81
C LEU A 63 -16.40 -4.65 7.28
N LEU A 64 -16.19 -3.38 6.92
CA LEU A 64 -17.23 -2.38 7.05
C LEU A 64 -18.43 -2.85 6.24
N VAL A 65 -19.63 -2.56 6.75
CA VAL A 65 -20.87 -3.01 6.13
C VAL A 65 -21.41 -1.97 5.13
N ASP A 66 -22.11 -2.46 4.13
CA ASP A 66 -22.79 -1.62 3.12
C ASP A 66 -21.90 -0.62 2.37
N PRO A 67 -20.84 -1.11 1.71
CA PRO A 67 -20.01 -0.20 0.93
C PRO A 67 -20.78 0.33 -0.28
N GLU A 68 -20.62 1.60 -0.62
CA GLU A 68 -21.27 2.17 -1.80
C GLU A 68 -20.22 2.41 -2.89
N LEU A 69 -19.18 3.16 -2.56
CA LEU A 69 -18.11 3.45 -3.51
C LEU A 69 -17.19 2.25 -3.63
N LEU A 70 -16.51 2.17 -4.78
CA LEU A 70 -15.49 1.15 -5.05
C LEU A 70 -16.06 -0.28 -5.04
N SER A 71 -17.27 -0.43 -5.59
CA SER A 71 -17.99 -1.70 -5.59
C SER A 71 -18.30 -2.22 -6.99
N ASN A 72 -17.77 -1.58 -8.03
CA ASN A 72 -17.98 -2.02 -9.41
C ASN A 72 -17.35 -3.37 -9.67
N ARG A 73 -18.21 -4.35 -9.94
CA ARG A 73 -17.80 -5.74 -10.14
C ARG A 73 -16.78 -5.88 -11.28
N GLU A 74 -16.92 -5.06 -12.32
CA GLU A 74 -16.09 -5.17 -13.53
C GLU A 74 -14.64 -4.74 -13.32
N TYR A 75 -14.36 -4.04 -12.22
CA TYR A 75 -13.03 -3.53 -11.93
C TYR A 75 -12.29 -4.34 -10.87
N ASN A 76 -12.93 -5.41 -10.40
CA ASN A 76 -12.31 -6.39 -9.51
C ASN A 76 -11.99 -5.78 -8.14
N PRO A 77 -13.03 -5.49 -7.34
CA PRO A 77 -12.77 -4.86 -6.04
C PRO A 77 -12.06 -5.82 -5.09
N LEU A 78 -11.10 -5.29 -4.34
CA LEU A 78 -10.40 -6.06 -3.32
C LEU A 78 -10.65 -5.41 -1.98
N LEU A 79 -11.38 -6.12 -1.12
CA LEU A 79 -11.74 -5.64 0.21
C LEU A 79 -11.07 -6.49 1.26
N THR A 80 -10.54 -5.84 2.30
CA THR A 80 -9.90 -6.56 3.39
C THR A 80 -9.92 -5.74 4.67
N ALA A 81 -9.85 -6.44 5.80
CA ALA A 81 -9.74 -5.75 7.07
C ALA A 81 -8.85 -6.53 8.03
N VAL A 82 -7.97 -5.79 8.71
CA VAL A 82 -7.25 -6.36 9.83
C VAL A 82 -7.48 -5.40 11.00
N ASN A 83 -8.62 -5.60 11.64
CA ASN A 83 -9.04 -4.85 12.82
C ASN A 83 -8.23 -5.29 14.04
N ASP A 84 -7.97 -4.36 14.96
CA ASP A 84 -7.41 -4.71 16.27
C ASP A 84 -8.47 -4.33 17.30
N ILE A 85 -9.33 -5.29 17.61
CA ILE A 85 -10.49 -5.09 18.46
C ILE A 85 -10.09 -4.75 19.90
N ASN A 86 -9.00 -5.35 20.36
CA ASN A 86 -8.51 -5.10 21.72
C ASN A 86 -7.87 -3.72 21.91
N SER A 87 -7.31 -3.15 20.85
CA SER A 87 -6.77 -1.78 20.88
C SER A 87 -7.84 -0.77 20.44
N GLY A 88 -8.99 -1.28 20.02
CA GLY A 88 -10.07 -0.42 19.56
C GLY A 88 -9.71 0.26 18.26
N ILE A 89 -9.30 -0.54 17.26
CA ILE A 89 -9.01 -0.01 15.91
C ILE A 89 -9.80 -0.79 14.84
N ILE A 90 -10.58 -0.07 14.04
CA ILE A 90 -11.18 -0.65 12.84
C ILE A 90 -10.22 -0.28 11.69
N ASN A 91 -9.77 -1.28 10.95
CA ASN A 91 -8.79 -1.05 9.89
C ASN A 91 -9.25 -1.72 8.61
N TYR A 92 -9.83 -0.91 7.73
CA TYR A 92 -10.47 -1.41 6.51
C TYR A 92 -9.78 -0.83 5.28
N ALA A 93 -9.57 -1.66 4.27
CA ALA A 93 -9.13 -1.15 2.98
C ALA A 93 -9.91 -1.78 1.82
N SER A 94 -10.18 -0.97 0.80
CA SER A 94 -10.83 -1.41 -0.42
C SER A 94 -10.12 -0.75 -1.60
N CYS A 95 -9.92 -1.53 -2.66
N CYS A 95 -9.83 -1.54 -2.63
CA CYS A 95 -9.13 -1.11 -3.81
CA CYS A 95 -9.25 -0.99 -3.84
C CYS A 95 -9.51 -1.87 -5.09
C CYS A 95 -9.55 -1.84 -5.06
N TYR A 96 -9.73 -1.15 -6.19
CA TYR A 96 -9.92 -1.80 -7.49
C TYR A 96 -8.58 -2.33 -7.97
N VAL A 97 -8.62 -3.39 -8.78
CA VAL A 97 -7.42 -3.95 -9.37
C VAL A 97 -7.34 -3.59 -10.86
N TYR A 98 -8.47 -3.49 -11.55
CA TYR A 98 -8.42 -3.11 -12.96
C TYR A 98 -8.56 -1.62 -13.15
N TRP A 99 -7.46 -0.89 -12.96
CA TRP A 99 -7.49 0.57 -13.05
C TRP A 99 -7.67 1.04 -14.49
N ASP A 100 -7.19 0.24 -15.44
CA ASP A 100 -7.29 0.59 -16.85
C ASP A 100 -8.75 0.67 -17.31
N SER A 101 -9.56 -0.32 -16.94
CA SER A 101 -11.00 -0.35 -17.26
C SER A 101 -11.73 0.83 -16.60
N TYR A 102 -11.31 1.16 -15.38
CA TYR A 102 -11.92 2.22 -14.60
C TYR A 102 -11.61 3.58 -15.23
N ARG A 103 -10.33 3.84 -15.48
CA ARG A 103 -9.88 5.04 -16.18
C ARG A 103 -10.58 5.26 -17.53
N GLU A 104 -10.70 4.19 -18.31
CA GLU A 104 -11.32 4.25 -19.64
C GLU A 104 -12.76 4.76 -19.58
N SER A 105 -13.44 4.48 -18.48
CA SER A 105 -14.82 4.93 -18.24
C SER A 105 -14.94 6.45 -18.11
N GLY A 106 -13.86 7.08 -17.63
CA GLY A 106 -13.85 8.53 -17.40
C GLY A 106 -14.54 8.98 -16.12
N VAL A 107 -15.35 8.09 -15.54
CA VAL A 107 -16.20 8.45 -14.42
C VAL A 107 -15.56 8.08 -13.08
N SER A 108 -15.56 9.04 -12.15
CA SER A 108 -14.84 8.95 -10.89
C SER A 108 -15.79 8.65 -9.73
N GLU A 109 -15.45 7.65 -8.92
CA GLU A 109 -16.20 7.33 -7.69
C GLU A 109 -15.71 8.28 -6.62
N SER A 110 -16.26 9.48 -6.67
CA SER A 110 -15.73 10.61 -5.95
C SER A 110 -16.49 10.92 -4.66
N THR A 111 -17.78 10.57 -4.66
CA THR A 111 -18.71 10.96 -3.61
CA THR A 111 -18.67 10.94 -3.57
C THR A 111 -19.66 9.82 -3.25
N GLY A 112 -19.68 9.43 -1.99
CA GLY A 112 -20.55 8.35 -1.53
C GLY A 112 -20.01 7.65 -0.29
N ILE A 113 -20.73 6.62 0.14
CA ILE A 113 -20.42 5.91 1.38
C ILE A 113 -19.30 4.88 1.19
N ILE A 114 -18.29 4.95 2.05
CA ILE A 114 -17.22 3.95 2.04
C ILE A 114 -17.74 2.69 2.75
N GLY A 115 -18.37 2.88 3.90
CA GLY A 115 -18.93 1.77 4.64
C GLY A 115 -19.29 2.18 6.05
N LYS A 116 -19.87 1.23 6.78
CA LYS A 116 -20.46 1.49 8.09
C LYS A 116 -20.01 0.49 9.16
N VAL A 117 -20.06 0.94 10.41
CA VAL A 117 -19.79 0.11 11.57
C VAL A 117 -20.62 0.64 12.74
N GLY A 118 -21.26 -0.27 13.48
CA GLY A 118 -22.01 0.10 14.67
C GLY A 118 -21.17 0.05 15.94
N PHE A 119 -21.64 0.74 16.98
CA PHE A 119 -20.96 0.76 18.27
C PHE A 119 -21.95 0.63 19.42
N LYS A 120 -21.90 -0.49 20.12
CA LYS A 120 -22.77 -0.72 21.28
C LYS A 120 -22.16 -0.05 22.51
N VAL A 121 -22.94 0.77 23.20
CA VAL A 121 -22.42 1.46 24.39
C VAL A 121 -22.37 0.48 25.56
N LEU A 122 -21.18 0.29 26.13
CA LEU A 122 -20.97 -0.67 27.20
C LEU A 122 -20.87 -0.02 28.58
N LYS A 123 -20.41 1.23 28.60
CA LYS A 123 -20.02 1.93 29.82
C LYS A 123 -20.53 3.37 29.77
N ALA A 124 -20.96 3.90 30.91
CA ALA A 124 -21.49 5.26 31.00
C ALA A 124 -20.33 6.26 31.19
N ALA A 125 -19.69 6.60 30.08
CA ALA A 125 -18.52 7.47 30.09
C ALA A 125 -18.38 8.24 28.80
N ASN A 126 -17.97 9.51 28.92
CA ASN A 126 -17.61 10.31 27.75
C ASN A 126 -16.46 9.66 26.98
N THR A 127 -16.63 9.58 25.66
CA THR A 127 -15.66 8.91 24.80
C THR A 127 -15.56 9.59 23.45
N THR A 128 -14.60 9.16 22.64
CA THR A 128 -14.42 9.70 21.30
C THR A 128 -14.31 8.56 20.30
N VAL A 129 -14.89 8.78 19.13
CA VAL A 129 -14.65 7.92 17.97
C VAL A 129 -14.14 8.83 16.85
N LYS A 130 -12.96 8.51 16.32
CA LYS A 130 -12.26 9.38 15.40
C LYS A 130 -11.62 8.60 14.28
N LEU A 131 -11.48 9.24 13.12
CA LEU A 131 -10.51 8.82 12.12
C LEU A 131 -9.13 9.33 12.58
N GLU A 132 -8.21 8.39 12.72
CA GLU A 132 -6.96 8.64 13.42
C GLU A 132 -5.88 7.68 12.91
N GLU A 133 -4.68 8.22 12.70
CA GLU A 133 -3.49 7.42 12.43
C GLU A 133 -3.25 6.38 13.53
N THR A 134 -2.96 5.15 13.10
CA THR A 134 -2.57 4.06 13.99
C THR A 134 -1.30 3.41 13.42
N ARG A 135 -0.81 2.37 14.09
CA ARG A 135 0.32 1.57 13.57
C ARG A 135 0.08 1.07 12.14
N PHE A 136 -1.19 0.91 11.76
CA PHE A 136 -1.53 0.43 10.41
C PHE A 136 -1.25 1.44 9.29
N THR A 137 -1.23 2.73 9.66
CA THR A 137 -1.25 3.83 8.69
C THR A 137 -0.24 4.97 8.97
N PRO A 138 1.07 4.66 8.96
CA PRO A 138 2.03 5.75 9.13
C PRO A 138 2.01 6.65 7.89
N ASN A 139 2.45 7.89 8.05
CA ASN A 139 2.51 8.87 6.96
C ASN A 139 1.16 9.14 6.28
N SER A 140 0.07 8.99 7.03
CA SER A 140 -1.29 9.10 6.49
C SER A 140 -1.92 10.49 6.67
N ILE A 141 -3.14 10.63 6.17
CA ILE A 141 -3.95 11.83 6.42
C ILE A 141 -5.01 11.49 7.48
N ASP A 142 -4.66 11.73 8.74
CA ASP A 142 -5.52 11.41 9.87
C ASP A 142 -6.02 9.96 9.84
N GLY A 143 -5.10 9.06 9.50
CA GLY A 143 -5.37 7.63 9.42
C GLY A 143 -6.16 7.22 8.20
N THR A 144 -6.19 8.10 7.20
CA THR A 144 -6.76 7.74 5.89
C THR A 144 -5.67 7.72 4.84
N LEU A 145 -5.77 6.73 3.94
CA LEU A 145 -4.88 6.60 2.80
C LEU A 145 -5.78 6.46 1.59
N VAL A 146 -5.52 7.27 0.57
CA VAL A 146 -6.31 7.25 -0.67
C VAL A 146 -5.37 7.17 -1.86
N ILE A 147 -5.70 6.30 -2.81
CA ILE A 147 -4.95 6.21 -4.05
C ILE A 147 -5.85 6.53 -5.25
N ASP A 148 -5.26 7.14 -6.28
CA ASP A 148 -5.99 7.43 -7.52
C ASP A 148 -5.85 6.26 -8.48
N TRP A 149 -6.45 6.39 -9.66
CA TRP A 149 -6.46 5.28 -10.64
C TRP A 149 -5.16 5.12 -11.43
N TYR A 150 -4.12 5.84 -11.02
CA TYR A 150 -2.74 5.55 -11.44
C TYR A 150 -1.90 4.96 -10.29
N GLY A 151 -2.51 4.85 -9.11
CA GLY A 151 -1.88 4.23 -7.94
C GLY A 151 -1.08 5.22 -7.11
N GLN A 152 -1.22 6.49 -7.44
CA GLN A 152 -0.55 7.56 -6.69
C GLN A 152 -1.42 8.04 -5.51
N GLN A 153 -0.80 8.48 -4.43
CA GLN A 153 -1.57 8.96 -3.27
C GLN A 153 -2.32 10.24 -3.64
N ILE A 154 -3.60 10.27 -3.27
CA ILE A 154 -4.35 11.52 -3.31
C ILE A 154 -4.15 12.27 -2.00
N VAL A 155 -3.83 13.56 -2.10
CA VAL A 155 -3.58 14.38 -0.92
C VAL A 155 -4.41 15.67 -0.99
N GLY A 156 -4.31 16.49 0.06
CA GLY A 156 -4.88 17.83 0.03
C GLY A 156 -6.33 17.93 0.47
N TYR A 157 -6.94 16.80 0.85
CA TYR A 157 -8.31 16.77 1.36
C TYR A 157 -8.34 16.92 2.88
N LYS A 158 -9.48 17.35 3.41
CA LYS A 158 -9.65 17.47 4.86
C LYS A 158 -10.28 16.19 5.42
N VAL A 159 -10.11 15.97 6.73
CA VAL A 159 -10.77 14.84 7.36
C VAL A 159 -11.75 15.37 8.42
N ILE A 160 -13.01 15.00 8.28
CA ILE A 160 -14.09 15.55 9.10
C ILE A 160 -14.47 14.61 10.23
N GLN A 161 -14.33 15.11 11.46
CA GLN A 161 -14.54 14.33 12.67
C GLN A 161 -15.93 14.57 13.27
N PRO A 162 -16.57 13.51 13.78
CA PRO A 162 -17.86 13.69 14.44
C PRO A 162 -17.71 14.40 15.79
N ASP A 163 -18.84 14.75 16.38
CA ASP A 163 -18.86 15.32 17.72
C ASP A 163 -18.40 14.27 18.74
N LEU A 164 -17.76 14.77 19.79
CA LEU A 164 -17.34 13.94 20.91
C LEU A 164 -18.58 13.39 21.59
N GLU A 165 -18.48 12.18 22.14
CA GLU A 165 -19.64 11.53 22.71
C GLU A 165 -19.82 11.71 24.20
N HIS A 166 -21.06 12.07 24.57
CA HIS A 166 -21.44 12.41 25.94
C HIS A 166 -22.45 11.42 26.50
N HIS A 167 -22.35 11.16 27.80
CA HIS A 167 -23.30 10.31 28.51
C HIS A 167 -24.57 11.08 28.86
N HIS A 168 -25.72 10.50 28.53
CA HIS A 168 -27.00 11.07 28.94
C HIS A 168 -27.18 10.95 30.46
N HIS A 169 -27.09 12.09 31.14
CA HIS A 169 -27.18 12.13 32.60
C HIS A 169 -28.55 12.62 33.07
N ASP B 7 43.01 -5.38 -22.68
CA ASP B 7 42.38 -4.26 -21.92
C ASP B 7 40.95 -4.61 -21.54
N LYS B 8 40.61 -4.48 -20.27
CA LYS B 8 39.30 -4.92 -19.75
C LYS B 8 38.21 -3.84 -19.74
N THR B 9 36.96 -4.28 -19.65
CA THR B 9 35.80 -3.40 -19.71
C THR B 9 35.23 -3.17 -18.30
N THR B 10 34.82 -1.94 -18.02
CA THR B 10 34.13 -1.59 -16.78
C THR B 10 32.76 -1.02 -17.11
N VAL B 11 31.72 -1.52 -16.46
CA VAL B 11 30.35 -1.02 -16.68
C VAL B 11 29.79 -0.50 -15.36
N SER B 12 29.17 0.68 -15.41
CA SER B 12 28.59 1.29 -14.23
C SER B 12 27.25 1.95 -14.54
N GLY B 13 26.50 2.27 -13.49
CA GLY B 13 25.22 2.92 -13.67
C GLY B 13 24.49 3.04 -12.37
N TYR B 14 23.23 3.47 -12.48
CA TYR B 14 22.37 3.63 -11.35
C TYR B 14 21.07 2.89 -11.57
N ILE B 15 20.61 2.26 -10.50
CA ILE B 15 19.31 1.58 -10.47
C ILE B 15 18.41 2.28 -9.44
N SER B 16 17.12 2.37 -9.76
CA SER B 16 16.13 2.93 -8.82
C SER B 16 14.73 2.33 -8.98
N VAL B 17 13.76 2.97 -8.33
CA VAL B 17 12.37 2.51 -8.33
C VAL B 17 11.47 3.67 -8.75
N ASP B 18 10.19 3.40 -8.99
CA ASP B 18 9.27 4.42 -9.52
C ASP B 18 8.16 4.82 -8.57
N PHE B 19 8.16 4.27 -7.36
CA PHE B 19 7.12 4.59 -6.37
C PHE B 19 7.65 5.53 -5.26
N ASP B 20 6.72 6.12 -4.51
CA ASP B 20 7.05 6.99 -3.38
C ASP B 20 7.40 6.21 -2.12
N TYR B 21 8.35 6.76 -1.36
CA TYR B 21 8.79 6.15 -0.12
C TYR B 21 9.32 7.24 0.82
N PRO B 22 9.39 6.94 2.14
CA PRO B 22 9.94 7.94 3.05
C PRO B 22 11.42 8.16 2.78
N PRO B 23 11.87 9.43 2.82
CA PRO B 23 13.28 9.76 2.58
C PRO B 23 14.30 8.94 3.38
N GLU B 24 13.91 8.45 4.57
CA GLU B 24 14.86 7.73 5.44
C GLU B 24 15.11 6.29 4.98
N SER B 25 14.26 5.81 4.08
CA SER B 25 14.35 4.47 3.53
C SER B 25 15.15 4.45 2.22
N GLU B 26 15.50 5.63 1.72
CA GLU B 26 16.16 5.76 0.42
C GLU B 26 17.35 4.81 0.27
N SER B 27 18.22 4.81 1.28
CA SER B 27 19.44 4.01 1.29
C SER B 27 19.18 2.50 1.27
N LYS B 28 18.08 2.08 1.89
CA LYS B 28 17.67 0.67 1.91
C LYS B 28 16.96 0.28 0.62
N ILE B 29 16.22 1.22 0.05
CA ILE B 29 15.49 0.96 -1.19
C ILE B 29 16.44 0.87 -2.38
N LYS B 30 17.45 1.74 -2.41
CA LYS B 30 18.38 1.81 -3.53
C LYS B 30 19.51 0.75 -3.50
N SER B 31 19.81 0.20 -2.32
CA SER B 31 20.88 -0.77 -2.17
C SER B 31 20.40 -2.20 -2.35
N GLY B 32 21.33 -3.10 -2.63
CA GLY B 32 21.02 -4.52 -2.64
C GLY B 32 20.38 -5.05 -3.91
N PHE B 33 20.35 -4.25 -4.98
CA PHE B 33 20.04 -4.79 -6.29
C PHE B 33 21.27 -5.53 -6.79
N ASN B 34 21.08 -6.79 -7.15
CA ASN B 34 22.15 -7.60 -7.71
C ASN B 34 22.27 -7.29 -9.21
N VAL B 35 23.50 -7.08 -9.67
CA VAL B 35 23.76 -6.87 -11.10
C VAL B 35 24.84 -7.85 -11.53
N LYS B 36 24.53 -8.67 -12.53
CA LYS B 36 25.44 -9.74 -12.96
C LYS B 36 25.62 -9.68 -14.49
N VAL B 37 26.86 -9.87 -14.95
CA VAL B 37 27.12 -10.02 -16.38
C VAL B 37 26.80 -11.46 -16.78
N ALA B 38 25.74 -11.65 -17.58
CA ALA B 38 25.32 -12.99 -18.00
C ALA B 38 26.45 -13.78 -18.68
N GLY B 39 26.54 -15.08 -18.38
CA GLY B 39 27.61 -15.93 -18.91
C GLY B 39 28.96 -15.78 -18.21
N THR B 40 28.96 -15.11 -17.06
CA THR B 40 30.17 -14.91 -16.27
C THR B 40 29.81 -14.99 -14.79
N GLU B 41 30.84 -15.03 -13.94
CA GLU B 41 30.64 -14.83 -12.50
C GLU B 41 31.00 -13.41 -12.04
N LEU B 42 30.92 -12.46 -12.96
CA LEU B 42 31.14 -11.05 -12.66
C LEU B 42 29.83 -10.39 -12.21
N SER B 43 29.76 -10.08 -10.92
CA SER B 43 28.54 -9.51 -10.35
C SER B 43 28.86 -8.49 -9.26
N THR B 44 27.84 -7.77 -8.80
CA THR B 44 28.00 -6.78 -7.75
C THR B 44 26.61 -6.45 -7.18
N LYS B 45 26.58 -5.74 -6.06
CA LYS B 45 25.34 -5.17 -5.54
C LYS B 45 25.38 -3.64 -5.52
N THR B 46 24.24 -3.00 -5.75
CA THR B 46 24.15 -1.54 -5.71
C THR B 46 24.35 -1.01 -4.30
N ASP B 47 24.86 0.21 -4.18
CA ASP B 47 25.09 0.85 -2.88
C ASP B 47 23.89 1.70 -2.47
N GLU B 48 24.09 2.56 -1.48
CA GLU B 48 23.02 3.37 -0.89
C GLU B 48 22.39 4.40 -1.83
N LYS B 49 23.11 4.75 -2.91
CA LYS B 49 22.60 5.67 -3.94
C LYS B 49 22.09 4.92 -5.19
N GLY B 50 22.16 3.59 -5.16
CA GLY B 50 21.73 2.78 -6.30
C GLY B 50 22.82 2.61 -7.35
N TYR B 51 24.03 2.98 -7.00
CA TYR B 51 25.16 2.90 -7.90
C TYR B 51 25.79 1.49 -7.93
N PHE B 52 26.18 1.06 -9.11
CA PHE B 52 26.92 -0.21 -9.26
C PHE B 52 28.06 -0.04 -10.27
N GLU B 53 29.08 -0.89 -10.14
CA GLU B 53 30.23 -0.89 -11.02
C GLU B 53 30.71 -2.35 -11.11
N ILE B 54 31.01 -2.81 -12.33
CA ILE B 54 31.60 -4.13 -12.53
C ILE B 54 32.79 -4.02 -13.48
N SER B 55 33.96 -4.45 -13.01
CA SER B 55 35.16 -4.37 -13.83
C SER B 55 35.66 -5.76 -14.20
N GLY B 56 36.64 -5.80 -15.09
CA GLY B 56 37.26 -7.08 -15.47
C GLY B 56 36.43 -7.89 -16.45
N ILE B 57 35.52 -7.25 -17.17
CA ILE B 57 34.83 -7.89 -18.29
C ILE B 57 35.84 -8.00 -19.44
N PRO B 58 35.97 -9.20 -20.05
CA PRO B 58 36.88 -9.36 -21.18
C PRO B 58 36.69 -8.28 -22.25
N GLY B 59 37.80 -7.70 -22.70
CA GLY B 59 37.77 -6.64 -23.70
C GLY B 59 37.21 -7.11 -25.04
N ASP B 60 37.27 -8.41 -25.27
CA ASP B 60 36.77 -9.05 -26.49
C ASP B 60 35.27 -9.30 -26.41
N MET B 61 34.70 -9.16 -25.20
CA MET B 61 33.27 -9.35 -24.98
C MET B 61 32.52 -8.06 -25.28
N ARG B 62 32.36 -7.76 -26.57
CA ARG B 62 31.79 -6.49 -27.02
C ARG B 62 30.26 -6.42 -26.85
N GLU B 63 29.64 -7.57 -26.64
CA GLU B 63 28.20 -7.63 -26.42
C GLU B 63 27.92 -8.50 -25.21
N PHE B 64 27.27 -7.91 -24.20
CA PHE B 64 26.88 -8.65 -23.00
C PHE B 64 25.52 -8.21 -22.46
N THR B 65 24.96 -9.02 -21.57
CA THR B 65 23.68 -8.73 -20.95
C THR B 65 23.87 -8.57 -19.44
N LEU B 66 23.32 -7.49 -18.89
CA LEU B 66 23.27 -7.26 -17.45
C LEU B 66 21.98 -7.82 -16.88
N GLU B 67 22.11 -8.72 -15.92
CA GLU B 67 20.96 -9.30 -15.24
C GLU B 67 20.75 -8.55 -13.93
N ILE B 68 19.62 -7.86 -13.83
CA ILE B 68 19.34 -7.05 -12.64
C ILE B 68 18.19 -7.71 -11.88
N SER B 69 18.37 -7.84 -10.57
CA SER B 69 17.40 -8.52 -9.73
C SER B 69 17.47 -8.08 -8.27
N LYS B 70 16.36 -8.32 -7.57
CA LYS B 70 16.23 -8.10 -6.13
C LYS B 70 15.00 -8.87 -5.66
N ARG B 71 15.04 -9.41 -4.44
CA ARG B 71 13.90 -10.12 -3.86
CA ARG B 71 13.88 -10.14 -3.91
C ARG B 71 12.63 -9.26 -3.98
N ASN B 72 11.58 -9.83 -4.58
CA ASN B 72 10.26 -9.19 -4.76
C ASN B 72 10.14 -8.21 -5.92
N TYR B 73 11.17 -8.19 -6.77
CA TYR B 73 11.22 -7.29 -7.90
C TYR B 73 11.22 -8.08 -9.19
N LEU B 74 10.55 -7.54 -10.19
CA LEU B 74 10.57 -8.11 -11.52
C LEU B 74 11.98 -8.01 -12.10
N LYS B 75 12.60 -9.17 -12.33
CA LYS B 75 13.97 -9.19 -12.85
C LYS B 75 14.03 -8.56 -14.25
N ARG B 76 15.20 -8.02 -14.58
CA ARG B 76 15.39 -7.26 -15.81
C ARG B 76 16.72 -7.54 -16.50
N ASN B 77 16.65 -7.78 -17.82
CA ASN B 77 17.83 -7.94 -18.66
C ASN B 77 18.07 -6.71 -19.51
N VAL B 78 19.26 -6.15 -19.37
CA VAL B 78 19.65 -4.97 -20.13
C VAL B 78 20.87 -5.34 -20.99
N THR B 79 20.70 -5.21 -22.29
CA THR B 79 21.79 -5.46 -23.24
C THR B 79 22.73 -4.25 -23.34
N VAL B 80 24.02 -4.54 -23.39
CA VAL B 80 25.07 -3.53 -23.51
C VAL B 80 25.99 -3.88 -24.68
N ASN B 81 26.22 -2.91 -25.56
CA ASN B 81 27.21 -3.03 -26.63
C ASN B 81 28.28 -1.96 -26.47
N GLY B 82 29.54 -2.38 -26.40
CA GLY B 82 30.67 -1.46 -26.28
C GLY B 82 31.85 -2.08 -25.56
N THR B 83 32.97 -1.35 -25.50
CA THR B 83 34.17 -1.78 -24.77
C THR B 83 34.80 -0.60 -24.00
N GLY B 84 35.57 -0.90 -22.96
CA GLY B 84 36.24 0.15 -22.18
C GLY B 84 35.37 0.59 -21.01
N LYS B 85 35.38 1.88 -20.71
CA LYS B 85 34.54 2.43 -19.65
C LYS B 85 33.13 2.77 -20.14
N LEU B 86 32.16 1.97 -19.69
CA LEU B 86 30.79 2.04 -20.16
C LEU B 86 29.84 2.50 -19.05
N VAL B 87 28.93 3.42 -19.38
N VAL B 87 28.94 3.42 -19.40
CA VAL B 87 27.94 3.91 -18.42
CA VAL B 87 27.94 3.92 -18.47
C VAL B 87 26.51 3.74 -18.94
C VAL B 87 26.58 3.57 -19.07
N VAL B 88 25.81 2.77 -18.34
CA VAL B 88 24.53 2.28 -18.87
C VAL B 88 23.34 3.14 -18.43
N SER B 89 23.53 3.90 -17.36
CA SER B 89 22.48 4.78 -16.86
C SER B 89 23.08 5.82 -15.94
N THR B 90 22.26 6.80 -15.56
N THR B 90 22.29 6.85 -15.61
CA THR B 90 22.70 7.98 -14.82
CA THR B 90 22.76 7.92 -14.74
C THR B 90 21.83 8.13 -13.57
C THR B 90 21.88 8.03 -13.51
N GLU B 91 22.28 8.90 -12.58
CA GLU B 91 21.53 9.10 -11.35
C GLU B 91 20.18 9.81 -11.62
N ASP B 92 20.13 10.63 -12.67
CA ASP B 92 18.92 11.33 -13.09
C ASP B 92 17.98 10.48 -13.96
N ASN B 93 18.56 9.60 -14.77
CA ASN B 93 17.79 8.67 -15.59
C ASN B 93 18.28 7.24 -15.26
N PRO B 94 17.94 6.73 -14.05
CA PRO B 94 18.40 5.40 -13.68
C PRO B 94 17.60 4.31 -14.38
N LEU B 95 18.14 3.09 -14.38
CA LEU B 95 17.36 1.95 -14.81
C LEU B 95 16.37 1.64 -13.71
N ILE B 96 15.08 1.56 -14.07
CA ILE B 96 14.01 1.28 -13.11
C ILE B 96 13.71 -0.22 -13.05
N LEU B 97 13.63 -0.76 -11.83
CA LEU B 97 13.11 -2.11 -11.62
C LEU B 97 11.73 -2.01 -10.95
N TRP B 98 10.80 -2.89 -11.31
CA TRP B 98 9.46 -2.81 -10.75
C TRP B 98 9.29 -3.77 -9.59
N ALA B 99 8.88 -3.22 -8.46
CA ALA B 99 8.55 -4.04 -7.29
C ALA B 99 7.25 -4.74 -7.57
N GLY B 100 7.07 -5.94 -7.03
CA GLY B 100 5.80 -6.61 -7.12
C GLY B 100 5.80 -8.01 -7.68
N ASP B 101 6.95 -8.53 -8.07
CA ASP B 101 7.08 -9.97 -8.37
C ASP B 101 7.47 -10.72 -7.10
N VAL B 102 6.47 -10.96 -6.26
CA VAL B 102 6.61 -11.47 -4.91
C VAL B 102 7.20 -12.87 -4.85
N GLU B 103 8.26 -13.00 -4.05
CA GLU B 103 8.85 -14.31 -3.78
C GLU B 103 7.89 -15.15 -2.95
N ARG B 104 7.59 -16.35 -3.44
CA ARG B 104 6.63 -17.23 -2.78
C ARG B 104 7.29 -18.57 -2.50
N LYS B 105 7.55 -18.83 -1.21
CA LYS B 105 8.32 -19.98 -0.76
C LYS B 105 9.68 -20.07 -1.48
N GLY B 106 10.37 -18.93 -1.52
CA GLY B 106 11.69 -18.84 -2.14
C GLY B 106 11.74 -18.61 -3.65
N VAL B 107 10.57 -18.61 -4.29
CA VAL B 107 10.49 -18.64 -5.77
C VAL B 107 9.62 -17.52 -6.38
N GLN B 108 10.19 -16.76 -7.31
CA GLN B 108 9.46 -15.77 -8.11
C GLN B 108 9.11 -16.34 -9.49
N ASP B 109 8.07 -15.81 -10.13
CA ASP B 109 7.68 -16.36 -11.44
C ASP B 109 7.80 -15.42 -12.65
N ASN B 110 8.53 -14.30 -12.49
CA ASN B 110 8.73 -13.32 -13.58
C ASN B 110 7.45 -12.73 -14.18
N ALA B 111 6.42 -12.61 -13.35
CA ALA B 111 5.18 -11.97 -13.75
C ALA B 111 4.63 -11.20 -12.55
N ILE B 112 4.05 -10.04 -12.80
CA ILE B 112 3.35 -9.28 -11.74
C ILE B 112 1.85 -9.44 -11.96
N ASN B 113 1.21 -10.15 -11.02
CA ASN B 113 -0.10 -10.79 -11.20
C ASN B 113 -1.03 -10.69 -10.03
N MET B 114 -2.26 -11.18 -10.20
CA MET B 114 -3.16 -11.34 -9.04
C MET B 114 -2.53 -12.23 -7.97
N VAL B 115 -1.70 -13.20 -8.38
CA VAL B 115 -0.94 -14.02 -7.44
C VAL B 115 -0.14 -13.13 -6.48
N ASP B 116 0.56 -12.16 -7.04
CA ASP B 116 1.35 -11.19 -6.27
C ASP B 116 0.50 -10.30 -5.38
N VAL B 117 -0.62 -9.85 -5.92
CA VAL B 117 -1.55 -9.00 -5.19
C VAL B 117 -2.06 -9.76 -3.96
N MET B 118 -2.44 -11.02 -4.17
CA MET B 118 -2.96 -11.82 -3.05
C MET B 118 -1.91 -12.12 -1.96
N GLU B 119 -0.65 -12.29 -2.36
CA GLU B 119 0.43 -12.50 -1.40
C GLU B 119 0.61 -11.28 -0.49
N ILE B 120 0.51 -10.09 -1.06
CA ILE B 120 0.54 -8.85 -0.27
C ILE B 120 -0.67 -8.76 0.64
N SER B 121 -1.85 -9.04 0.08
CA SER B 121 -3.11 -9.04 0.82
C SER B 121 -3.07 -9.99 2.02
N LYS B 122 -2.36 -11.10 1.88
CA LYS B 122 -2.13 -12.07 2.95
C LYS B 122 -1.43 -11.44 4.17
N VAL B 123 -0.49 -10.54 3.90
CA VAL B 123 0.36 -9.94 4.95
C VAL B 123 -0.05 -8.51 5.33
N PHE B 124 -1.13 -8.04 4.75
CA PHE B 124 -1.76 -6.75 5.09
C PHE B 124 -1.93 -6.65 6.63
N GLY B 125 -1.50 -5.55 7.22
CA GLY B 125 -1.70 -5.31 8.67
C GLY B 125 -0.76 -6.06 9.61
N THR B 126 0.15 -6.88 9.07
CA THR B 126 1.11 -7.66 9.88
C THR B 126 2.32 -6.83 10.26
N ARG B 127 2.98 -7.23 11.33
CA ARG B 127 4.18 -6.51 11.80
C ARG B 127 5.20 -7.47 12.40
N ALA B 128 6.41 -6.96 12.68
CA ALA B 128 7.49 -7.78 13.22
C ALA B 128 6.98 -8.53 14.44
N GLY B 129 7.30 -9.82 14.49
CA GLY B 129 6.81 -10.68 15.53
C GLY B 129 5.54 -11.46 15.20
N ASP B 130 4.76 -11.00 14.21
CA ASP B 130 3.61 -11.76 13.72
C ASP B 130 4.11 -12.98 12.93
N GLU B 131 3.40 -14.10 13.08
CA GLU B 131 3.72 -15.37 12.40
C GLU B 131 3.87 -15.20 10.89
N GLU B 132 2.98 -14.43 10.29
CA GLU B 132 2.92 -14.31 8.83
C GLU B 132 3.70 -13.13 8.26
N TYR B 133 4.11 -12.19 9.12
CA TYR B 133 4.86 -11.01 8.68
C TYR B 133 6.06 -11.37 7.80
N VAL B 134 6.15 -10.72 6.65
CA VAL B 134 7.33 -10.78 5.78
C VAL B 134 7.87 -9.37 5.58
N ALA B 135 9.03 -9.12 6.19
CA ALA B 135 9.62 -7.78 6.22
C ALA B 135 9.77 -7.12 4.84
N GLU B 136 10.24 -7.91 3.86
CA GLU B 136 10.48 -7.40 2.52
C GLU B 136 9.23 -7.18 1.66
N LEU B 137 8.05 -7.56 2.18
CA LEU B 137 6.77 -7.19 1.55
C LEU B 137 6.23 -5.84 2.01
N ASP B 138 6.93 -5.20 2.95
CA ASP B 138 6.78 -3.76 3.16
C ASP B 138 7.61 -3.07 2.07
N LEU B 139 6.99 -2.92 0.91
CA LEU B 139 7.70 -2.56 -0.33
C LEU B 139 8.30 -1.15 -0.32
N ASN B 140 7.56 -0.20 0.25
CA ASN B 140 8.01 1.18 0.34
C ASN B 140 8.76 1.45 1.66
N MET B 141 8.90 0.43 2.48
CA MET B 141 9.70 0.44 3.72
C MET B 141 9.27 1.57 4.65
N ASP B 142 7.98 1.66 4.92
CA ASP B 142 7.44 2.75 5.76
C ASP B 142 6.99 2.26 7.12
N GLY B 143 7.14 0.96 7.37
CA GLY B 143 6.85 0.37 8.66
C GLY B 143 5.46 -0.22 8.79
N ALA B 144 4.81 -0.44 7.65
CA ALA B 144 3.47 -1.02 7.61
C ALA B 144 3.25 -1.73 6.26
N ILE B 145 2.46 -2.80 6.27
CA ILE B 145 1.96 -3.40 5.03
C ILE B 145 0.47 -3.06 4.86
N ASN B 146 0.17 -2.19 3.90
CA ASN B 146 -1.16 -1.62 3.76
C ASN B 146 -1.50 -1.30 2.31
N LEU B 147 -2.51 -0.46 2.10
CA LEU B 147 -2.95 -0.07 0.75
C LEU B 147 -1.82 0.36 -0.19
N PHE B 148 -0.90 1.18 0.31
CA PHE B 148 0.22 1.62 -0.52
C PHE B 148 1.11 0.50 -1.07
N ASP B 149 1.35 -0.55 -0.30
CA ASP B 149 2.15 -1.70 -0.79
C ASP B 149 1.36 -2.50 -1.82
N ILE B 150 0.06 -2.61 -1.63
CA ILE B 150 -0.84 -3.22 -2.64
C ILE B 150 -0.86 -2.40 -3.94
N ALA B 151 -0.98 -1.08 -3.80
CA ALA B 151 -0.96 -0.16 -4.95
C ALA B 151 0.30 -0.26 -5.80
N ILE B 152 1.46 -0.43 -5.14
CA ILE B 152 2.72 -0.64 -5.84
C ILE B 152 2.69 -1.87 -6.74
N VAL B 153 2.14 -2.98 -6.25
CA VAL B 153 2.01 -4.19 -7.05
C VAL B 153 1.06 -3.96 -8.24
N ILE B 154 -0.11 -3.36 -7.98
CA ILE B 154 -1.10 -3.16 -9.05
C ILE B 154 -0.60 -2.18 -10.12
N ARG B 155 0.12 -1.16 -9.69
CA ARG B 155 0.76 -0.24 -10.62
C ARG B 155 1.52 -0.98 -11.72
N HIS B 156 2.16 -2.08 -11.33
CA HIS B 156 3.07 -2.78 -12.22
C HIS B 156 2.45 -4.05 -12.77
N PHE B 157 1.13 -4.02 -12.98
CA PHE B 157 0.30 -5.21 -12.91
C PHE B 157 0.45 -6.06 -14.17
N ASN B 158 1.68 -6.19 -14.65
CA ASN B 158 2.02 -7.24 -15.61
C ASN B 158 3.51 -7.27 -15.92
N ALA B 159 4.02 -8.46 -16.21
CA ALA B 159 5.38 -8.60 -16.71
C ALA B 159 5.41 -9.08 -18.17
#